data_3C3K
#
_entry.id   3C3K
#
_cell.length_a   34.888
_cell.length_b   67.602
_cell.length_c   204.802
_cell.angle_alpha   90.000
_cell.angle_beta   90.000
_cell.angle_gamma   90.000
#
_symmetry.space_group_name_H-M   'P 21 21 21'
#
loop_
_entity.id
_entity.type
_entity.pdbx_description
1 polymer 'Alanine racemase'
2 non-polymer GLYCEROL
3 non-polymer 'CHLORIDE ION'
4 water water
#
_entity_poly.entity_id   1
_entity_poly.type   'polypeptide(L)'
_entity_poly.pdbx_seq_one_letter_code
;MSLRTAKTGMLLVMVSNIANPFCAAVVKGIEKTAEKNGYRILLCNTESDLARSRSCLTLLSGKMVDGVITMDALSELPEL
QNIIGAFPWVQCAEYDPLSTVSSVSIDDVAASEYVVDQLVKSGKKRIALINHDLAYQYAQHRESGYLNRLKFHGLDYSRI
SYAENLDYMAGKLATFSLLKSAVKPDAIFAISDVLAAGAIQALTESGLSIPQDVAVVGFDGVDISQITVPALTTVQQPSE
QIGMKAVSLLLEQIHSDVLAKTVHHLLPWKFVRRQSSEGHHHHHH
;
_entity_poly.pdbx_strand_id   A,B
#
loop_
_chem_comp.id
_chem_comp.type
_chem_comp.name
_chem_comp.formula
CL non-polymer 'CHLORIDE ION' 'Cl -1'
GOL non-polymer GLYCEROL 'C3 H8 O3'
#
# COMPACT_ATOMS: atom_id res chain seq x y z
N LYS A 7 -22.63 4.26 -20.33
CA LYS A 7 -23.30 5.58 -20.21
C LYS A 7 -22.86 6.48 -19.03
N THR A 8 -22.37 5.94 -17.91
CA THR A 8 -21.96 6.84 -16.81
C THR A 8 -20.49 7.25 -16.86
N GLY A 9 -19.66 6.44 -17.48
CA GLY A 9 -18.23 6.74 -17.57
C GLY A 9 -17.48 6.40 -16.30
N MET A 10 -18.12 5.64 -15.41
CA MET A 10 -17.58 5.21 -14.15
C MET A 10 -17.59 3.66 -14.00
N LEU A 11 -16.48 3.10 -13.51
CA LEU A 11 -16.47 1.70 -13.05
C LEU A 11 -16.28 1.52 -11.54
N LEU A 12 -16.90 0.50 -10.98
CA LEU A 12 -16.64 0.21 -9.57
C LEU A 12 -15.59 -0.90 -9.45
N VAL A 13 -14.59 -0.69 -8.59
CA VAL A 13 -13.59 -1.73 -8.27
C VAL A 13 -13.68 -2.17 -6.83
N MET A 14 -14.03 -3.42 -6.57
CA MET A 14 -13.99 -3.89 -5.21
C MET A 14 -12.62 -4.56 -4.94
N VAL A 15 -11.84 -4.00 -4.01
CA VAL A 15 -10.51 -4.44 -3.73
C VAL A 15 -10.55 -5.27 -2.44
N SER A 16 -9.77 -6.34 -2.36
CA SER A 16 -9.71 -7.14 -1.14
C SER A 16 -8.98 -6.44 0.01
N ASN A 17 -7.89 -5.74 -0.29
CA ASN A 17 -7.07 -5.08 0.74
C ASN A 17 -6.16 -4.05 0.10
N ILE A 18 -6.54 -2.76 0.14
CA ILE A 18 -5.68 -1.69 -0.38
C ILE A 18 -4.31 -1.58 0.26
N ALA A 19 -4.15 -2.10 1.49
CA ALA A 19 -2.87 -2.15 2.13
C ALA A 19 -2.09 -3.35 1.59
N ASN A 20 -2.69 -4.20 0.77
CA ASN A 20 -1.84 -5.28 0.16
C ASN A 20 -1.20 -4.71 -1.12
N PRO A 21 0.13 -4.68 -1.20
CA PRO A 21 0.73 -4.07 -2.39
C PRO A 21 0.43 -4.79 -3.70
N PHE A 22 0.09 -6.05 -3.65
CA PHE A 22 -0.48 -6.70 -4.86
C PHE A 22 -1.75 -5.98 -5.38
N CYS A 23 -2.69 -5.69 -4.50
CA CYS A 23 -3.90 -4.95 -4.84
C CYS A 23 -3.62 -3.58 -5.47
N ALA A 24 -2.67 -2.85 -4.86
CA ALA A 24 -2.30 -1.56 -5.38
C ALA A 24 -1.76 -1.70 -6.81
N ALA A 25 -0.93 -2.69 -7.12
CA ALA A 25 -0.37 -2.85 -8.51
C ALA A 25 -1.47 -3.29 -9.46
N VAL A 26 -2.42 -4.12 -9.00
CA VAL A 26 -3.53 -4.52 -9.88
C VAL A 26 -4.44 -3.30 -10.16
N VAL A 27 -4.75 -2.49 -9.15
CA VAL A 27 -5.58 -1.29 -9.29
C VAL A 27 -4.93 -0.28 -10.25
N LYS A 28 -3.62 -0.10 -10.19
CA LYS A 28 -2.89 0.74 -11.11
C LYS A 28 -3.13 0.29 -12.54
N GLY A 29 -3.07 -1.01 -12.80
CA GLY A 29 -3.33 -1.52 -14.11
C GLY A 29 -4.78 -1.35 -14.54
N ILE A 30 -5.70 -1.57 -13.61
CA ILE A 30 -7.09 -1.27 -13.92
C ILE A 30 -7.31 0.20 -14.27
N GLU A 31 -6.80 1.14 -13.43
CA GLU A 31 -7.00 2.57 -13.67
C GLU A 31 -6.39 2.96 -15.01
N LYS A 32 -5.25 2.40 -15.36
CA LYS A 32 -4.68 2.71 -16.67
C LYS A 32 -5.58 2.35 -17.81
N THR A 33 -6.10 1.13 -17.87
CA THR A 33 -6.88 0.72 -19.01
C THR A 33 -8.22 1.42 -19.02
N ALA A 34 -8.87 1.56 -17.85
CA ALA A 34 -10.13 2.30 -17.77
C ALA A 34 -9.96 3.70 -18.36
N GLU A 35 -8.89 4.40 -17.97
CA GLU A 35 -8.76 5.81 -18.39
C GLU A 35 -8.30 5.90 -19.86
N LYS A 36 -7.79 4.82 -20.37
CA LYS A 36 -7.37 4.78 -21.76
C LYS A 36 -8.63 4.64 -22.67
N ASN A 37 -9.72 4.29 -22.02
CA ASN A 37 -10.99 3.93 -22.62
C ASN A 37 -12.10 4.83 -22.16
N GLY A 38 -11.74 5.97 -21.58
CA GLY A 38 -12.69 6.97 -21.20
C GLY A 38 -13.49 6.68 -19.97
N TYR A 39 -12.96 5.83 -19.09
CA TYR A 39 -13.63 5.57 -17.78
C TYR A 39 -12.81 6.12 -16.65
N ARG A 40 -13.48 6.42 -15.56
CA ARG A 40 -12.88 6.70 -14.29
C ARG A 40 -13.32 5.63 -13.32
N ILE A 41 -12.56 5.48 -12.25
CA ILE A 41 -12.71 4.33 -11.37
C ILE A 41 -13.08 4.76 -9.93
N LEU A 42 -14.03 4.08 -9.28
CA LEU A 42 -14.26 4.24 -7.85
C LEU A 42 -13.88 2.94 -7.12
N LEU A 43 -13.28 3.02 -5.92
CA LEU A 43 -12.80 1.81 -5.29
C LEU A 43 -13.56 1.61 -4.00
N CYS A 44 -13.82 0.36 -3.68
CA CYS A 44 -14.30 0.03 -2.35
C CYS A 44 -13.27 -0.95 -1.69
N ASN A 45 -12.67 -0.59 -0.55
CA ASN A 45 -11.87 -1.51 0.20
C ASN A 45 -12.78 -2.51 0.96
N THR A 46 -13.20 -3.59 0.31
CA THR A 46 -14.27 -4.43 0.91
C THR A 46 -13.75 -5.34 1.98
N GLU A 47 -12.48 -5.71 1.83
CA GLU A 47 -11.88 -6.88 2.47
C GLU A 47 -12.78 -8.10 2.46
N SER A 48 -13.45 -8.31 1.35
CA SER A 48 -14.38 -9.43 1.20
C SER A 48 -15.42 -9.52 2.29
N ASP A 49 -15.92 -8.35 2.70
CA ASP A 49 -16.95 -8.23 3.69
C ASP A 49 -18.22 -7.76 2.97
N LEU A 50 -19.14 -8.69 2.80
CA LEU A 50 -20.35 -8.54 2.01
C LEU A 50 -21.15 -7.36 2.55
N ALA A 51 -21.04 -7.02 3.86
CA ALA A 51 -21.66 -5.78 4.35
C ALA A 51 -21.18 -4.52 3.61
N ARG A 52 -19.88 -4.38 3.35
CA ARG A 52 -19.36 -3.29 2.51
C ARG A 52 -19.71 -3.47 1.06
N SER A 53 -19.61 -4.68 0.58
CA SER A 53 -20.03 -4.90 -0.81
C SER A 53 -21.45 -4.49 -1.09
N ARG A 54 -22.39 -4.82 -0.19
CA ARG A 54 -23.81 -4.54 -0.45
C ARG A 54 -24.04 -3.03 -0.55
N SER A 55 -23.24 -2.31 0.22
CA SER A 55 -23.31 -0.89 0.28
C SER A 55 -22.79 -0.30 -1.02
N CYS A 56 -21.57 -0.65 -1.41
CA CYS A 56 -21.02 -0.05 -2.63
C CYS A 56 -21.73 -0.52 -3.88
N LEU A 57 -22.35 -1.70 -3.83
CA LEU A 57 -23.09 -2.12 -5.02
C LEU A 57 -24.39 -1.36 -5.25
N THR A 58 -24.79 -0.49 -4.30
CA THR A 58 -25.97 0.32 -4.56
C THR A 58 -25.66 1.30 -5.67
N LEU A 59 -24.40 1.40 -6.11
CA LEU A 59 -24.02 2.16 -7.33
C LEU A 59 -24.51 1.56 -8.66
N LEU A 60 -24.81 0.26 -8.66
CA LEU A 60 -25.37 -0.38 -9.85
C LEU A 60 -26.81 0.05 -9.98
N SER A 61 -27.55 -0.09 -8.89
CA SER A 61 -28.97 0.18 -8.97
C SER A 61 -29.17 1.70 -8.98
N GLY A 62 -28.25 2.40 -8.33
CA GLY A 62 -28.25 3.83 -8.38
C GLY A 62 -27.91 4.33 -9.76
N LYS A 63 -27.51 3.44 -10.66
CA LYS A 63 -27.20 3.84 -12.05
C LYS A 63 -26.00 4.77 -12.19
N MET A 64 -25.06 4.63 -11.26
CA MET A 64 -23.86 5.45 -11.21
C MET A 64 -22.61 4.81 -11.87
N VAL A 65 -22.64 3.52 -12.22
CA VAL A 65 -21.48 2.86 -12.84
C VAL A 65 -21.95 1.96 -13.96
N ASP A 66 -21.05 1.56 -14.86
CA ASP A 66 -21.34 0.79 -16.07
C ASP A 66 -20.87 -0.69 -15.92
N GLY A 67 -20.01 -0.90 -14.94
CA GLY A 67 -19.43 -2.24 -14.78
C GLY A 67 -18.73 -2.36 -13.45
N VAL A 68 -18.51 -3.61 -13.06
CA VAL A 68 -17.87 -3.93 -11.78
C VAL A 68 -16.69 -4.90 -11.93
N ILE A 69 -15.56 -4.63 -11.26
CA ILE A 69 -14.49 -5.60 -11.11
C ILE A 69 -14.34 -5.91 -9.63
N THR A 70 -14.25 -7.18 -9.28
CA THR A 70 -14.09 -7.64 -7.87
C THR A 70 -12.77 -8.40 -7.66
N MET A 71 -12.13 -8.22 -6.51
CA MET A 71 -10.96 -9.00 -6.14
C MET A 71 -11.36 -9.79 -4.88
N ASP A 72 -12.66 -9.71 -4.53
CA ASP A 72 -13.21 -10.40 -3.34
C ASP A 72 -13.06 -11.93 -3.34
N ALA A 73 -12.85 -12.47 -2.15
CA ALA A 73 -12.74 -13.91 -1.80
C ALA A 73 -13.83 -14.75 -2.46
N LEU A 74 -13.42 -15.93 -2.93
CA LEU A 74 -14.32 -16.94 -3.49
C LEU A 74 -15.54 -17.19 -2.61
N SER A 75 -15.30 -17.30 -1.33
CA SER A 75 -16.34 -17.39 -0.30
C SER A 75 -17.56 -16.46 -0.57
N GLU A 76 -17.28 -15.26 -1.08
CA GLU A 76 -18.30 -14.18 -1.14
C GLU A 76 -18.94 -14.19 -2.51
N LEU A 77 -18.33 -14.86 -3.47
CA LEU A 77 -18.73 -14.73 -4.87
C LEU A 77 -20.17 -15.26 -5.16
N PRO A 78 -20.60 -16.35 -4.51
CA PRO A 78 -21.99 -16.75 -4.82
C PRO A 78 -23.06 -15.68 -4.48
N GLU A 79 -22.89 -15.01 -3.31
CA GLU A 79 -23.76 -13.93 -2.91
C GLU A 79 -23.63 -12.67 -3.73
N LEU A 80 -22.41 -12.29 -4.07
CA LEU A 80 -22.17 -11.22 -5.05
C LEU A 80 -22.88 -11.48 -6.37
N GLN A 81 -23.00 -12.75 -6.74
CA GLN A 81 -23.65 -13.09 -8.04
C GLN A 81 -25.12 -12.78 -7.99
N ASN A 82 -25.70 -13.06 -6.83
CA ASN A 82 -27.08 -12.75 -6.58
C ASN A 82 -27.36 -11.30 -6.68
N ILE A 83 -26.44 -10.46 -6.20
CA ILE A 83 -26.65 -9.00 -6.30
C ILE A 83 -26.36 -8.50 -7.72
N ILE A 84 -25.25 -8.93 -8.27
CA ILE A 84 -24.79 -8.37 -9.57
C ILE A 84 -25.54 -8.91 -10.80
N GLY A 85 -25.90 -10.18 -10.76
CA GLY A 85 -26.64 -10.83 -11.87
C GLY A 85 -25.83 -10.65 -13.14
N ALA A 86 -26.48 -10.26 -14.23
CA ALA A 86 -25.81 -10.17 -15.53
C ALA A 86 -25.13 -8.84 -15.79
N PHE A 87 -25.14 -7.90 -14.86
CA PHE A 87 -24.44 -6.59 -15.04
C PHE A 87 -22.97 -6.84 -15.38
N PRO A 88 -22.33 -6.02 -16.24
CA PRO A 88 -20.92 -6.33 -16.57
C PRO A 88 -20.06 -6.53 -15.31
N TRP A 89 -19.27 -7.60 -15.32
CA TRP A 89 -18.57 -8.03 -14.15
C TRP A 89 -17.41 -8.85 -14.54
N VAL A 90 -16.25 -8.57 -13.94
CA VAL A 90 -15.10 -9.47 -14.12
C VAL A 90 -14.56 -9.72 -12.75
N GLN A 91 -14.24 -10.98 -12.44
CA GLN A 91 -13.53 -11.28 -11.23
C GLN A 91 -12.02 -11.29 -11.52
N CYS A 92 -11.25 -10.72 -10.64
CA CYS A 92 -9.86 -10.39 -10.90
C CYS A 92 -9.01 -11.01 -9.81
N ALA A 93 -8.05 -11.88 -10.17
CA ALA A 93 -7.13 -12.60 -9.23
C ALA A 93 -7.88 -13.61 -8.41
N GLU A 94 -8.95 -13.16 -7.78
CA GLU A 94 -9.79 -14.06 -7.03
C GLU A 94 -11.04 -14.28 -7.90
N TYR A 95 -11.37 -15.54 -8.20
CA TYR A 95 -12.53 -15.91 -9.02
C TYR A 95 -13.04 -17.31 -8.66
N ASP A 96 -14.10 -17.71 -9.34
CA ASP A 96 -14.73 -19.03 -9.11
C ASP A 96 -14.70 -19.78 -10.45
N PRO A 97 -13.82 -20.80 -10.56
CA PRO A 97 -13.57 -21.44 -11.83
C PRO A 97 -14.77 -22.26 -12.31
N LEU A 98 -15.69 -22.52 -11.38
CA LEU A 98 -16.92 -23.25 -11.65
C LEU A 98 -18.06 -22.33 -12.12
N SER A 99 -17.84 -21.03 -12.05
CA SER A 99 -18.87 -20.05 -12.39
C SER A 99 -18.75 -19.57 -13.82
N THR A 100 -19.80 -18.88 -14.27
CA THR A 100 -19.89 -18.43 -15.63
C THR A 100 -19.37 -16.99 -15.78
N VAL A 101 -18.89 -16.41 -14.69
CA VAL A 101 -18.37 -15.02 -14.67
C VAL A 101 -16.97 -14.91 -15.24
N SER A 102 -16.79 -14.06 -16.21
CA SER A 102 -15.50 -13.90 -16.77
C SER A 102 -14.38 -13.48 -15.72
N SER A 103 -13.20 -14.09 -15.81
CA SER A 103 -12.09 -13.76 -14.90
C SER A 103 -10.69 -13.71 -15.49
N VAL A 104 -9.76 -13.16 -14.71
CA VAL A 104 -8.36 -13.22 -15.06
C VAL A 104 -7.51 -13.41 -13.82
N SER A 105 -6.64 -14.41 -13.86
CA SER A 105 -5.69 -14.59 -12.75
C SER A 105 -4.51 -15.36 -13.29
N ILE A 106 -3.69 -15.91 -12.39
CA ILE A 106 -2.68 -16.92 -12.72
C ILE A 106 -3.12 -18.28 -12.25
N ASP A 107 -2.35 -19.33 -12.62
CA ASP A 107 -2.55 -20.65 -12.08
C ASP A 107 -1.75 -20.79 -10.80
N ASP A 108 -2.44 -20.49 -9.70
CA ASP A 108 -1.91 -20.53 -8.36
C ASP A 108 -1.39 -21.90 -7.99
N VAL A 109 -2.15 -22.95 -8.30
CA VAL A 109 -1.75 -24.31 -7.99
C VAL A 109 -0.41 -24.67 -8.68
N ALA A 110 -0.31 -24.40 -9.99
CA ALA A 110 0.92 -24.67 -10.75
C ALA A 110 2.10 -23.94 -10.12
N ALA A 111 1.87 -22.69 -9.73
CA ALA A 111 2.91 -21.87 -9.15
C ALA A 111 3.43 -22.38 -7.85
N SER A 112 2.53 -22.76 -6.92
CA SER A 112 3.06 -23.23 -5.66
C SER A 112 3.67 -24.58 -5.79
N GLU A 113 3.19 -25.40 -6.74
CA GLU A 113 3.87 -26.65 -6.97
C GLU A 113 5.29 -26.48 -7.47
N TYR A 114 5.49 -25.54 -8.39
CA TYR A 114 6.79 -25.29 -8.91
C TYR A 114 7.78 -24.82 -7.80
N VAL A 115 7.32 -23.94 -6.90
CA VAL A 115 8.14 -23.49 -5.75
C VAL A 115 8.58 -24.68 -4.91
N VAL A 116 7.64 -25.55 -4.52
CA VAL A 116 8.02 -26.71 -3.76
C VAL A 116 9.04 -27.57 -4.56
N ASP A 117 8.76 -27.85 -5.81
CA ASP A 117 9.72 -28.61 -6.63
C ASP A 117 11.13 -27.98 -6.66
N GLN A 118 11.21 -26.68 -6.78
CA GLN A 118 12.50 -26.05 -6.74
C GLN A 118 13.14 -26.19 -5.39
N LEU A 119 12.35 -26.09 -4.31
CA LEU A 119 12.97 -26.20 -3.00
C LEU A 119 13.57 -27.61 -2.84
N VAL A 120 12.80 -28.61 -3.21
CA VAL A 120 13.16 -30.04 -3.14
C VAL A 120 14.40 -30.30 -4.00
N LYS A 121 14.40 -29.74 -5.22
CA LYS A 121 15.54 -29.93 -6.11
C LYS A 121 16.81 -29.32 -5.51
N SER A 122 16.63 -28.35 -4.62
CA SER A 122 17.79 -27.72 -4.02
C SER A 122 18.29 -28.43 -2.77
N GLY A 123 17.62 -29.52 -2.37
CA GLY A 123 18.03 -30.32 -1.24
C GLY A 123 17.31 -30.07 0.06
N LYS A 124 16.34 -29.15 0.06
CA LYS A 124 15.42 -28.93 1.21
C LYS A 124 14.36 -30.02 1.30
N LYS A 125 14.02 -30.39 2.53
CA LYS A 125 13.17 -31.52 2.83
C LYS A 125 12.06 -31.15 3.78
N ARG A 126 12.23 -30.03 4.45
CA ARG A 126 11.34 -29.67 5.53
C ARG A 126 10.75 -28.29 5.29
N ILE A 127 9.77 -28.26 4.40
CA ILE A 127 9.25 -27.02 3.86
C ILE A 127 7.98 -26.68 4.60
N ALA A 128 7.97 -25.51 5.21
CA ALA A 128 6.74 -25.04 5.89
C ALA A 128 6.04 -23.99 5.02
N LEU A 129 4.71 -23.93 5.11
CA LEU A 129 3.93 -22.92 4.39
C LEU A 129 3.43 -21.92 5.40
N ILE A 130 3.58 -20.63 5.12
CA ILE A 130 2.81 -19.60 5.85
C ILE A 130 1.67 -19.10 4.96
N ASN A 131 0.48 -19.49 5.40
CA ASN A 131 -0.77 -19.21 4.71
C ASN A 131 -1.56 -18.09 5.38
N HIS A 132 -2.59 -17.63 4.72
CA HIS A 132 -3.39 -16.56 5.26
C HIS A 132 -4.90 -16.98 5.35
N ASP A 133 -5.76 -16.48 4.49
CA ASP A 133 -7.19 -16.65 4.77
C ASP A 133 -7.77 -17.61 3.78
N LEU A 134 -8.15 -18.79 4.25
CA LEU A 134 -8.69 -19.84 3.39
C LEU A 134 -10.08 -19.52 2.80
N ALA A 135 -10.66 -18.41 3.21
CA ALA A 135 -11.79 -17.87 2.49
C ALA A 135 -11.41 -17.61 1.03
N TYR A 136 -10.15 -17.24 0.80
CA TYR A 136 -9.65 -16.95 -0.56
C TYR A 136 -9.23 -18.20 -1.32
N GLN A 137 -9.73 -18.35 -2.52
CA GLN A 137 -9.30 -19.46 -3.32
C GLN A 137 -7.81 -19.44 -3.63
N TYR A 138 -7.19 -18.27 -3.67
CA TYR A 138 -5.78 -18.36 -3.97
C TYR A 138 -5.05 -18.97 -2.76
N ALA A 139 -5.54 -18.76 -1.52
CA ALA A 139 -5.01 -19.43 -0.34
C ALA A 139 -5.23 -20.94 -0.34
N GLN A 140 -6.42 -21.34 -0.74
CA GLN A 140 -6.75 -22.73 -0.97
C GLN A 140 -5.88 -23.40 -2.04
N HIS A 141 -5.71 -22.74 -3.17
CA HIS A 141 -4.91 -23.32 -4.25
C HIS A 141 -3.47 -23.48 -3.89
N ARG A 142 -2.89 -22.45 -3.26
CA ARG A 142 -1.46 -22.52 -2.94
C ARG A 142 -1.21 -23.57 -1.86
N GLU A 143 -2.15 -23.72 -0.94
CA GLU A 143 -2.07 -24.79 0.03
C GLU A 143 -2.22 -26.15 -0.69
N SER A 144 -3.11 -26.30 -1.68
CA SER A 144 -3.12 -27.60 -2.37
C SER A 144 -1.83 -27.89 -3.15
N GLY A 145 -1.29 -26.89 -3.84
CA GLY A 145 -0.05 -27.09 -4.63
C GLY A 145 1.09 -27.50 -3.72
N TYR A 146 1.17 -26.86 -2.57
CA TYR A 146 2.13 -27.22 -1.57
C TYR A 146 1.97 -28.69 -1.14
N LEU A 147 0.80 -29.04 -0.67
CA LEU A 147 0.54 -30.42 -0.24
C LEU A 147 0.70 -31.43 -1.36
N ASN A 148 0.33 -31.05 -2.58
CA ASN A 148 0.51 -31.92 -3.74
C ASN A 148 1.95 -32.37 -3.88
N ARG A 149 2.86 -31.44 -3.72
CA ARG A 149 4.23 -31.77 -4.05
C ARG A 149 4.97 -32.38 -2.86
N LEU A 150 4.52 -32.09 -1.63
CA LEU A 150 5.01 -32.83 -0.46
C LEU A 150 4.69 -34.32 -0.57
N LYS A 151 3.46 -34.65 -0.93
CA LYS A 151 3.09 -36.05 -1.11
C LYS A 151 3.83 -36.72 -2.27
N PHE A 152 3.88 -36.02 -3.39
CA PHE A 152 4.63 -36.49 -4.52
C PHE A 152 6.06 -36.87 -4.21
N HIS A 153 6.82 -35.93 -3.60
CA HIS A 153 8.22 -36.17 -3.37
C HIS A 153 8.42 -37.09 -2.20
N GLY A 154 7.34 -37.42 -1.53
CA GLY A 154 7.34 -38.31 -0.42
C GLY A 154 7.92 -37.73 0.80
N LEU A 155 7.63 -36.46 1.11
CA LEU A 155 8.28 -35.81 2.24
C LEU A 155 7.46 -36.02 3.49
N ASP A 156 8.03 -36.21 4.66
CA ASP A 156 7.04 -36.27 5.73
C ASP A 156 6.80 -35.10 6.69
N TYR A 157 7.61 -34.08 6.54
CA TYR A 157 7.36 -32.85 7.25
C TYR A 157 6.35 -32.03 6.48
N SER A 158 5.39 -31.51 7.21
CA SER A 158 4.38 -30.69 6.60
C SER A 158 3.89 -29.86 7.77
N ARG A 159 4.02 -28.54 7.67
CA ARG A 159 3.49 -27.59 8.68
C ARG A 159 2.98 -26.29 8.02
N ILE A 160 1.75 -25.91 8.32
CA ILE A 160 1.16 -24.72 7.72
C ILE A 160 0.84 -23.83 8.89
N SER A 161 1.32 -22.59 8.84
CA SER A 161 0.96 -21.60 9.85
C SER A 161 0.06 -20.55 9.23
N TYR A 162 -1.08 -20.25 9.87
CA TYR A 162 -2.04 -19.33 9.30
C TYR A 162 -1.76 -17.94 9.88
N ALA A 163 -1.33 -17.02 9.03
CA ALA A 163 -1.13 -15.63 9.45
C ALA A 163 -2.48 -14.97 9.62
N GLU A 164 -2.73 -14.23 10.69
CA GLU A 164 -4.02 -13.54 10.78
C GLU A 164 -4.15 -12.31 9.87
N ASN A 165 -3.10 -11.52 9.83
CA ASN A 165 -3.09 -10.30 9.03
C ASN A 165 -2.11 -10.43 7.93
N LEU A 166 -2.34 -9.66 6.89
CA LEU A 166 -1.39 -9.55 5.84
C LEU A 166 -0.43 -8.42 6.18
N ASP A 167 0.43 -8.64 7.16
CA ASP A 167 1.48 -7.66 7.46
C ASP A 167 2.76 -8.39 7.87
N TYR A 168 3.90 -7.73 7.78
CA TYR A 168 5.15 -8.41 8.18
C TYR A 168 5.15 -9.02 9.58
N MET A 169 4.59 -8.30 10.55
CA MET A 169 4.56 -8.86 11.91
C MET A 169 3.86 -10.22 11.98
N ALA A 170 2.82 -10.43 11.19
CA ALA A 170 2.16 -11.75 11.07
C ALA A 170 3.11 -12.84 10.57
N GLY A 171 3.84 -12.58 9.48
CA GLY A 171 4.81 -13.56 9.01
C GLY A 171 5.91 -13.82 10.04
N LYS A 172 6.36 -12.76 10.71
CA LYS A 172 7.40 -12.91 11.71
C LYS A 172 7.01 -13.84 12.84
N LEU A 173 5.84 -13.59 13.40
CA LEU A 173 5.34 -14.43 14.52
C LEU A 173 4.96 -15.82 14.08
N ALA A 174 4.49 -15.97 12.82
CA ALA A 174 4.28 -17.27 12.23
C ALA A 174 5.59 -18.05 12.24
N THR A 175 6.68 -17.41 11.81
CA THR A 175 8.00 -18.00 11.79
C THR A 175 8.54 -18.40 13.15
N PHE A 176 8.43 -17.53 14.15
CA PHE A 176 8.86 -17.91 15.50
C PHE A 176 8.02 -19.11 15.91
N SER A 177 6.80 -19.14 15.44
CA SER A 177 5.91 -20.26 15.86
C SER A 177 6.39 -21.61 15.32
N LEU A 178 6.78 -21.60 14.05
CA LEU A 178 7.37 -22.72 13.36
C LEU A 178 8.74 -23.12 13.91
N LEU A 179 9.46 -22.16 14.47
CA LEU A 179 10.79 -22.44 15.02
C LEU A 179 10.72 -22.99 16.44
N LYS A 180 9.52 -22.98 17.02
CA LYS A 180 9.41 -23.47 18.37
C LYS A 180 9.48 -24.97 18.45
N SER A 181 9.03 -25.72 17.44
CA SER A 181 9.10 -27.21 17.44
C SER A 181 10.50 -27.81 17.61
N ALA A 182 10.56 -29.06 18.00
CA ALA A 182 11.79 -29.83 17.97
C ALA A 182 12.33 -29.92 16.56
N VAL A 183 11.43 -30.16 15.61
CA VAL A 183 11.75 -30.24 14.18
C VAL A 183 11.49 -28.88 13.48
N LYS A 184 12.52 -28.21 13.01
CA LYS A 184 12.34 -26.87 12.50
C LYS A 184 12.33 -26.96 10.96
N PRO A 185 11.75 -25.98 10.27
CA PRO A 185 11.78 -26.10 8.81
C PRO A 185 13.17 -25.81 8.31
N ASP A 186 13.49 -26.25 7.09
CA ASP A 186 14.71 -25.84 6.42
C ASP A 186 14.39 -24.92 5.27
N ALA A 187 13.09 -24.72 5.05
CA ALA A 187 12.56 -23.72 4.16
C ALA A 187 11.13 -23.28 4.56
N ILE A 188 10.86 -22.02 4.29
CA ILE A 188 9.55 -21.39 4.52
C ILE A 188 9.09 -20.76 3.22
N PHE A 189 7.97 -21.29 2.69
CA PHE A 189 7.19 -20.70 1.61
C PHE A 189 6.01 -19.88 2.19
N ALA A 190 6.04 -18.58 1.95
CA ALA A 190 4.94 -17.67 2.38
C ALA A 190 4.05 -17.34 1.19
N ILE A 191 2.73 -17.29 1.38
CA ILE A 191 1.81 -16.94 0.25
C ILE A 191 1.76 -15.47 -0.11
N SER A 192 2.58 -14.67 0.55
CA SER A 192 2.83 -13.31 0.08
C SER A 192 4.20 -12.80 0.52
N ASP A 193 4.78 -11.92 -0.29
CA ASP A 193 6.07 -11.34 -0.06
C ASP A 193 6.16 -10.54 1.21
N VAL A 194 5.02 -10.00 1.66
CA VAL A 194 4.98 -9.22 2.89
C VAL A 194 5.16 -10.18 4.06
N LEU A 195 4.45 -11.31 4.02
CA LEU A 195 4.62 -12.37 5.02
C LEU A 195 6.08 -12.90 5.04
N ALA A 196 6.67 -12.99 3.86
CA ALA A 196 8.01 -13.59 3.72
C ALA A 196 9.05 -12.67 4.30
N ALA A 197 8.86 -11.35 4.12
CA ALA A 197 9.80 -10.35 4.69
C ALA A 197 9.80 -10.46 6.22
N GLY A 198 8.64 -10.77 6.78
CA GLY A 198 8.51 -11.00 8.20
C GLY A 198 9.25 -12.24 8.61
N ALA A 199 9.19 -13.26 7.76
CA ALA A 199 9.93 -14.50 8.05
C ALA A 199 11.42 -14.23 8.05
N ILE A 200 11.89 -13.51 7.04
CA ILE A 200 13.30 -13.22 6.92
C ILE A 200 13.74 -12.48 8.18
N GLN A 201 12.89 -11.64 8.71
CA GLN A 201 13.28 -10.91 9.91
C GLN A 201 13.35 -11.75 11.17
N ALA A 202 12.39 -12.66 11.35
CA ALA A 202 12.43 -13.61 12.46
C ALA A 202 13.66 -14.53 12.31
N LEU A 203 13.93 -14.99 11.09
CA LEU A 203 15.10 -15.90 10.88
C LEU A 203 16.39 -15.20 11.29
N THR A 204 16.56 -13.98 10.80
CA THR A 204 17.68 -13.14 11.11
C THR A 204 17.88 -12.83 12.57
N GLU A 205 16.85 -12.41 13.28
CA GLU A 205 16.93 -12.19 14.74
C GLU A 205 17.15 -13.49 15.52
N SER A 206 16.88 -14.62 14.86
CA SER A 206 17.13 -15.89 15.52
C SER A 206 18.54 -16.37 15.22
N GLY A 207 19.26 -15.66 14.36
CA GLY A 207 20.62 -16.05 13.98
C GLY A 207 20.66 -17.30 13.13
N LEU A 208 19.66 -17.47 12.24
CA LEU A 208 19.68 -18.49 11.21
C LEU A 208 20.06 -17.86 9.87
N SER A 209 20.99 -18.48 9.15
CA SER A 209 21.41 -18.06 7.84
C SER A 209 20.40 -18.49 6.78
N ILE A 210 20.26 -17.67 5.75
CA ILE A 210 19.21 -17.81 4.76
C ILE A 210 19.97 -17.73 3.49
N PRO A 211 19.93 -18.79 2.67
CA PRO A 211 19.18 -20.03 2.83
C PRO A 211 19.90 -21.20 3.49
N GLN A 212 21.11 -21.00 4.00
CA GLN A 212 21.87 -22.15 4.51
C GLN A 212 21.19 -22.88 5.64
N ASP A 213 20.60 -22.14 6.57
CA ASP A 213 19.80 -22.81 7.60
C ASP A 213 18.37 -22.91 7.10
N VAL A 214 17.72 -21.79 6.76
CA VAL A 214 16.29 -21.84 6.26
C VAL A 214 16.18 -20.98 5.04
N ALA A 215 15.73 -21.54 3.91
CA ALA A 215 15.41 -20.80 2.71
C ALA A 215 14.03 -20.14 2.91
N VAL A 216 13.78 -19.06 2.18
CA VAL A 216 12.47 -18.39 2.22
C VAL A 216 12.07 -18.13 0.78
N VAL A 217 10.83 -18.41 0.46
CA VAL A 217 10.27 -18.08 -0.87
C VAL A 217 8.97 -17.29 -0.62
N GLY A 218 8.72 -16.20 -1.33
CA GLY A 218 7.49 -15.48 -1.09
C GLY A 218 6.51 -15.67 -2.26
N PHE A 219 5.61 -14.73 -2.43
CA PHE A 219 4.70 -14.78 -3.56
C PHE A 219 4.26 -13.33 -3.89
N ASP A 220 4.36 -12.98 -5.18
CA ASP A 220 3.65 -11.87 -5.89
C ASP A 220 4.66 -11.10 -6.73
N GLY A 221 5.89 -10.98 -6.21
CA GLY A 221 6.93 -10.15 -6.82
C GLY A 221 6.74 -8.65 -6.67
N VAL A 222 6.20 -8.19 -5.54
CA VAL A 222 6.03 -6.74 -5.28
C VAL A 222 7.38 -6.20 -4.81
N ASP A 223 7.54 -4.89 -4.76
CA ASP A 223 8.84 -4.24 -4.43
C ASP A 223 9.45 -4.66 -3.13
N ILE A 224 8.66 -5.02 -2.12
CA ILE A 224 9.29 -5.51 -0.89
C ILE A 224 10.23 -6.71 -1.06
N SER A 225 9.95 -7.56 -2.04
CA SER A 225 10.78 -8.71 -2.33
C SER A 225 12.19 -8.25 -2.80
N GLN A 226 12.32 -7.02 -3.23
CA GLN A 226 13.65 -6.49 -3.62
C GLN A 226 14.36 -5.73 -2.51
N ILE A 227 13.72 -5.57 -1.37
CA ILE A 227 14.20 -4.63 -0.33
C ILE A 227 14.82 -5.42 0.85
N THR A 228 14.27 -6.63 1.04
CA THR A 228 14.61 -7.59 2.06
C THR A 228 16.12 -8.01 1.88
N VAL A 229 16.80 -8.37 2.98
CA VAL A 229 18.18 -8.94 2.96
C VAL A 229 18.19 -10.35 3.55
N PRO A 230 18.44 -11.38 2.74
CA PRO A 230 18.73 -11.35 1.33
C PRO A 230 17.45 -11.08 0.55
N ALA A 231 17.64 -10.73 -0.72
CA ALA A 231 16.53 -10.44 -1.62
C ALA A 231 15.73 -11.69 -1.80
N LEU A 232 14.46 -11.53 -2.09
CA LEU A 232 13.54 -12.64 -1.85
C LEU A 232 13.12 -13.39 -3.10
N THR A 233 13.36 -14.69 -3.15
CA THR A 233 12.89 -15.51 -4.27
C THR A 233 11.40 -15.47 -4.17
N THR A 234 10.70 -15.31 -5.29
CA THR A 234 9.26 -15.17 -5.23
C THR A 234 8.61 -15.58 -6.54
N VAL A 235 7.30 -15.62 -6.58
CA VAL A 235 6.57 -15.93 -7.79
C VAL A 235 6.08 -14.57 -8.25
N GLN A 236 6.59 -14.06 -9.36
CA GLN A 236 6.16 -12.77 -9.81
C GLN A 236 4.87 -12.92 -10.64
N GLN A 237 3.79 -12.23 -10.21
CA GLN A 237 2.60 -12.10 -10.99
C GLN A 237 2.71 -10.88 -11.93
N PRO A 238 2.11 -10.96 -13.10
CA PRO A 238 2.11 -9.78 -13.92
C PRO A 238 0.92 -8.94 -13.43
N SER A 239 1.05 -8.31 -12.26
CA SER A 239 -0.10 -7.79 -11.54
C SER A 239 -0.78 -6.66 -12.29
N GLU A 240 0.03 -5.82 -12.91
CA GLU A 240 -0.50 -4.69 -13.58
C GLU A 240 -1.31 -5.15 -14.77
N GLN A 241 -0.84 -6.16 -15.47
CA GLN A 241 -1.52 -6.70 -16.64
C GLN A 241 -2.76 -7.47 -16.28
N ILE A 242 -2.75 -8.14 -15.14
CA ILE A 242 -3.98 -8.71 -14.59
C ILE A 242 -5.08 -7.63 -14.51
N GLY A 243 -4.74 -6.45 -14.03
CA GLY A 243 -5.70 -5.38 -13.91
C GLY A 243 -6.16 -4.88 -15.26
N MET A 244 -5.19 -4.65 -16.17
CA MET A 244 -5.47 -4.17 -17.53
C MET A 244 -6.37 -5.15 -18.23
N LYS A 245 -6.00 -6.42 -18.23
CA LYS A 245 -6.87 -7.45 -18.85
C LYS A 245 -8.27 -7.54 -18.20
N ALA A 246 -8.41 -7.30 -16.90
CA ALA A 246 -9.76 -7.30 -16.28
C ALA A 246 -10.68 -6.23 -16.91
N VAL A 247 -10.12 -5.05 -17.14
CA VAL A 247 -10.89 -3.96 -17.75
C VAL A 247 -11.20 -4.28 -19.21
N SER A 248 -10.25 -4.84 -19.95
CA SER A 248 -10.48 -5.15 -21.34
C SER A 248 -11.59 -6.13 -21.44
N LEU A 249 -11.59 -7.17 -20.60
CA LEU A 249 -12.72 -8.12 -20.56
C LEU A 249 -14.04 -7.47 -20.14
N LEU A 250 -13.98 -6.51 -19.25
CA LEU A 250 -15.20 -5.82 -18.83
C LEU A 250 -15.83 -5.01 -19.94
N LEU A 251 -14.98 -4.30 -20.68
CA LEU A 251 -15.42 -3.44 -21.76
C LEU A 251 -16.19 -4.26 -22.75
N GLU A 252 -15.70 -5.46 -23.02
CA GLU A 252 -16.42 -6.42 -23.88
C GLU A 252 -17.84 -6.73 -23.41
N GLN A 253 -18.07 -6.92 -22.12
CA GLN A 253 -19.45 -6.99 -21.65
C GLN A 253 -20.22 -5.64 -21.81
N ILE A 254 -19.57 -4.53 -21.48
CA ILE A 254 -20.25 -3.24 -21.56
C ILE A 254 -20.72 -2.95 -22.99
N HIS A 255 -19.94 -3.36 -23.97
CA HIS A 255 -20.36 -3.19 -25.36
C HIS A 255 -21.12 -4.34 -26.05
N SER A 256 -21.79 -5.23 -25.31
CA SER A 256 -22.43 -6.39 -26.00
C SER A 256 -23.97 -6.53 -25.85
N ASP A 257 -24.57 -7.56 -25.21
CA ASP A 257 -24.06 -8.59 -24.27
C ASP A 257 -22.87 -8.27 -23.34
N VAL A 263 -15.24 -17.19 -20.31
CA VAL A 263 -13.77 -17.35 -20.26
C VAL A 263 -13.09 -17.13 -18.88
N HIS A 264 -12.29 -18.08 -18.43
CA HIS A 264 -11.45 -17.84 -17.26
C HIS A 264 -10.03 -17.74 -17.74
N HIS A 265 -9.55 -16.53 -17.92
CA HIS A 265 -8.22 -16.35 -18.48
C HIS A 265 -7.10 -16.49 -17.43
N LEU A 266 -6.03 -17.14 -17.84
CA LEU A 266 -4.86 -17.32 -17.03
C LEU A 266 -3.67 -16.65 -17.67
N LEU A 267 -3.00 -15.75 -16.94
CA LEU A 267 -1.79 -15.09 -17.40
C LEU A 267 -0.55 -15.76 -16.84
N PRO A 268 0.57 -15.66 -17.54
CA PRO A 268 1.73 -16.42 -17.02
C PRO A 268 2.41 -15.83 -15.74
N TRP A 269 2.85 -16.68 -14.83
CA TRP A 269 3.66 -16.23 -13.71
C TRP A 269 5.14 -16.54 -14.00
N LYS A 270 6.08 -15.90 -13.27
CA LYS A 270 7.50 -16.24 -13.32
C LYS A 270 8.09 -16.53 -11.97
N PHE A 271 8.87 -17.59 -11.88
CA PHE A 271 9.64 -17.82 -10.66
C PHE A 271 10.86 -16.94 -10.83
N VAL A 272 11.09 -16.08 -9.87
CA VAL A 272 12.28 -15.23 -9.79
C VAL A 272 13.17 -15.67 -8.65
N ARG A 273 14.27 -16.31 -9.05
CA ARG A 273 15.19 -16.86 -8.11
C ARG A 273 16.17 -15.78 -7.58
N ARG A 274 16.13 -15.58 -6.28
CA ARG A 274 17.03 -14.60 -5.61
C ARG A 274 17.86 -15.23 -4.46
N GLN A 275 18.65 -14.40 -3.76
CA GLN A 275 19.51 -14.98 -2.77
C GLN A 275 18.78 -15.68 -1.60
N SER A 276 17.55 -15.32 -1.27
CA SER A 276 16.87 -15.97 -0.11
C SER A 276 16.67 -17.51 -0.32
N SER A 277 16.83 -17.99 -1.54
CA SER A 277 16.71 -19.43 -1.85
C SER A 277 17.98 -20.08 -2.47
N GLU A 278 18.77 -19.31 -3.22
CA GLU A 278 20.02 -19.75 -3.86
C GLU A 278 21.34 -19.41 -3.06
N LYS B 7 -30.37 3.56 4.67
CA LYS B 7 -30.21 3.97 6.09
C LYS B 7 -28.72 4.17 6.41
N THR B 8 -27.89 3.24 5.96
CA THR B 8 -26.43 3.37 6.03
C THR B 8 -25.95 4.29 4.92
N GLY B 9 -25.22 5.34 5.29
CA GLY B 9 -24.70 6.26 4.30
C GLY B 9 -23.37 5.84 3.74
N MET B 10 -22.84 6.65 2.84
CA MET B 10 -21.47 6.48 2.41
C MET B 10 -20.76 7.84 2.47
N LEU B 11 -19.46 7.76 2.73
CA LEU B 11 -18.56 8.90 2.64
C LEU B 11 -17.54 8.66 1.52
N LEU B 12 -17.23 9.72 0.79
CA LEU B 12 -16.18 9.73 -0.23
C LEU B 12 -14.81 10.11 0.36
N VAL B 13 -13.81 9.24 0.18
CA VAL B 13 -12.42 9.65 0.43
C VAL B 13 -11.67 9.85 -0.87
N MET B 14 -11.08 11.03 -1.05
CA MET B 14 -10.25 11.35 -2.21
C MET B 14 -8.81 11.17 -1.76
N VAL B 15 -8.19 10.08 -2.21
CA VAL B 15 -6.88 9.64 -1.76
C VAL B 15 -5.77 10.20 -2.65
N SER B 16 -4.69 10.68 -2.03
CA SER B 16 -3.61 11.21 -2.85
C SER B 16 -2.81 10.14 -3.59
N ASN B 17 -2.61 8.98 -3.01
CA ASN B 17 -1.99 7.85 -3.77
C ASN B 17 -2.25 6.55 -3.05
N ILE B 18 -3.03 5.72 -3.68
CA ILE B 18 -3.49 4.52 -3.07
C ILE B 18 -2.31 3.53 -2.83
N ALA B 19 -1.21 3.69 -3.55
CA ALA B 19 0.00 2.92 -3.30
C ALA B 19 0.90 3.43 -2.20
N ASN B 20 0.61 4.62 -1.67
CA ASN B 20 1.35 5.18 -0.53
C ASN B 20 0.86 4.55 0.76
N PRO B 21 1.71 3.79 1.48
CA PRO B 21 1.22 3.15 2.71
C PRO B 21 0.67 4.16 3.75
N PHE B 22 1.04 5.43 3.67
CA PHE B 22 0.48 6.44 4.59
C PHE B 22 -1.02 6.58 4.28
N CYS B 23 -1.36 6.62 2.99
CA CYS B 23 -2.79 6.67 2.66
C CYS B 23 -3.54 5.51 3.24
N ALA B 24 -3.01 4.29 3.13
CA ALA B 24 -3.70 3.11 3.60
C ALA B 24 -3.93 3.20 5.07
N ALA B 25 -2.97 3.73 5.81
CA ALA B 25 -3.09 3.91 7.24
C ALA B 25 -4.12 4.96 7.57
N VAL B 26 -4.16 6.07 6.82
CA VAL B 26 -5.22 7.06 7.09
C VAL B 26 -6.61 6.47 6.75
N VAL B 27 -6.72 5.80 5.59
CA VAL B 27 -7.96 5.10 5.29
C VAL B 27 -8.44 4.14 6.36
N LYS B 28 -7.52 3.36 6.93
CA LYS B 28 -7.88 2.49 7.98
C LYS B 28 -8.62 3.20 9.14
N GLY B 29 -8.10 4.36 9.56
CA GLY B 29 -8.69 5.10 10.66
C GLY B 29 -10.02 5.70 10.22
N ILE B 30 -10.07 6.17 8.98
CA ILE B 30 -11.32 6.67 8.45
C ILE B 30 -12.40 5.58 8.63
N GLU B 31 -12.11 4.35 8.15
CA GLU B 31 -13.07 3.25 8.14
C GLU B 31 -13.49 2.90 9.55
N LYS B 32 -12.56 2.94 10.48
CA LYS B 32 -12.89 2.54 11.86
C LYS B 32 -13.93 3.46 12.40
N THR B 33 -13.71 4.77 12.30
CA THR B 33 -14.70 5.72 12.83
C THR B 33 -15.97 5.77 12.05
N ALA B 34 -15.89 5.74 10.71
CA ALA B 34 -17.08 5.81 9.87
C ALA B 34 -18.00 4.64 10.15
N GLU B 35 -17.47 3.42 10.30
CA GLU B 35 -18.33 2.25 10.33
C GLU B 35 -18.99 2.05 11.71
N LYS B 36 -18.53 2.78 12.73
CA LYS B 36 -19.22 2.86 14.06
C LYS B 36 -20.35 3.86 14.07
N ASN B 37 -20.39 4.67 13.03
CA ASN B 37 -21.36 5.73 12.91
C ASN B 37 -22.32 5.55 11.77
N GLY B 38 -22.39 4.34 11.21
CA GLY B 38 -23.41 4.01 10.21
C GLY B 38 -22.98 4.42 8.81
N TYR B 39 -21.69 4.50 8.59
CA TYR B 39 -21.21 4.83 7.24
C TYR B 39 -20.29 3.78 6.72
N ARG B 40 -20.33 3.54 5.41
CA ARG B 40 -19.29 2.85 4.67
C ARG B 40 -18.56 3.84 3.74
N ILE B 41 -17.45 3.38 3.18
CA ILE B 41 -16.48 4.30 2.60
C ILE B 41 -16.30 4.02 1.11
N LEU B 42 -16.36 5.05 0.27
CA LEU B 42 -15.97 4.88 -1.12
C LEU B 42 -14.68 5.64 -1.33
N LEU B 43 -13.72 5.05 -2.03
CA LEU B 43 -12.45 5.72 -2.31
C LEU B 43 -12.34 6.21 -3.75
N CYS B 44 -11.57 7.25 -3.96
CA CYS B 44 -11.19 7.60 -5.33
C CYS B 44 -9.72 7.93 -5.28
N ASN B 45 -8.96 7.31 -6.17
CA ASN B 45 -7.53 7.52 -6.22
C ASN B 45 -7.31 8.70 -7.12
N THR B 46 -7.48 9.89 -6.53
CA THR B 46 -7.57 11.13 -7.34
C THR B 46 -6.18 11.62 -7.70
N GLU B 47 -5.24 11.42 -6.79
CA GLU B 47 -3.84 11.89 -7.01
C GLU B 47 -3.72 13.34 -7.45
N SER B 48 -4.56 14.19 -6.85
CA SER B 48 -4.60 15.59 -7.17
C SER B 48 -4.70 15.90 -8.65
N ASP B 49 -5.44 15.04 -9.33
CA ASP B 49 -5.78 15.18 -10.74
C ASP B 49 -7.18 15.72 -10.76
N LEU B 50 -7.30 16.92 -11.30
CA LEU B 50 -8.53 17.70 -11.16
C LEU B 50 -9.69 17.05 -11.87
N ALA B 51 -9.37 16.39 -13.00
CA ALA B 51 -10.41 15.75 -13.78
C ALA B 51 -10.96 14.58 -12.99
N ARG B 52 -10.08 13.79 -12.38
CA ARG B 52 -10.56 12.71 -11.50
C ARG B 52 -11.41 13.24 -10.35
N SER B 53 -10.98 14.31 -9.71
CA SER B 53 -11.69 14.87 -8.57
C SER B 53 -13.08 15.33 -8.96
N ARG B 54 -13.16 16.10 -10.03
CA ARG B 54 -14.44 16.59 -10.49
C ARG B 54 -15.40 15.45 -10.75
N SER B 55 -14.85 14.39 -11.30
CA SER B 55 -15.68 13.26 -11.68
C SER B 55 -16.23 12.53 -10.46
N CYS B 56 -15.40 12.27 -9.48
CA CYS B 56 -15.88 11.45 -8.37
C CYS B 56 -16.83 12.30 -7.56
N LEU B 57 -16.72 13.62 -7.69
CA LEU B 57 -17.61 14.52 -6.91
C LEU B 57 -19.06 14.57 -7.42
N THR B 58 -19.35 14.00 -8.59
CA THR B 58 -20.73 13.80 -8.99
C THR B 58 -21.50 12.89 -7.99
N LEU B 59 -20.81 12.09 -7.18
CA LEU B 59 -21.49 11.32 -6.16
C LEU B 59 -22.19 12.18 -5.11
N LEU B 60 -21.63 13.37 -4.85
CA LEU B 60 -22.17 14.29 -3.86
C LEU B 60 -23.44 14.87 -4.43
N SER B 61 -23.32 15.50 -5.60
CA SER B 61 -24.49 15.97 -6.35
C SER B 61 -25.53 14.87 -6.54
N GLY B 62 -25.09 13.70 -6.98
CA GLY B 62 -25.99 12.58 -7.15
C GLY B 62 -26.51 12.00 -5.84
N LYS B 63 -26.16 12.58 -4.69
CA LYS B 63 -26.66 12.07 -3.39
C LYS B 63 -26.28 10.62 -3.03
N MET B 64 -25.17 10.11 -3.54
CA MET B 64 -24.67 8.78 -3.13
C MET B 64 -23.73 8.88 -1.91
N VAL B 65 -23.14 10.02 -1.65
CA VAL B 65 -22.34 10.14 -0.44
C VAL B 65 -22.77 11.40 0.27
N ASP B 66 -22.59 11.36 1.60
CA ASP B 66 -22.95 12.42 2.51
C ASP B 66 -21.85 13.44 2.84
N GLY B 67 -20.65 13.27 2.30
CA GLY B 67 -19.54 14.16 2.68
C GLY B 67 -18.24 13.65 2.07
N VAL B 68 -17.23 14.52 2.00
CA VAL B 68 -15.94 14.17 1.40
C VAL B 68 -14.73 14.47 2.35
N ILE B 69 -13.82 13.50 2.48
CA ILE B 69 -12.49 13.72 3.10
C ILE B 69 -11.50 13.64 1.99
N THR B 70 -10.70 14.68 1.85
CA THR B 70 -9.70 14.76 0.79
C THR B 70 -8.26 14.76 1.38
N MET B 71 -7.36 14.02 0.72
CA MET B 71 -5.99 14.02 1.05
C MET B 71 -5.23 14.68 -0.15
N ASP B 72 -5.96 15.32 -1.08
CA ASP B 72 -5.26 16.01 -2.20
C ASP B 72 -4.52 17.29 -1.87
N ALA B 73 -3.70 17.75 -2.83
CA ALA B 73 -2.97 19.01 -2.67
C ALA B 73 -3.92 20.13 -2.28
N LEU B 74 -3.45 20.94 -1.33
CA LEU B 74 -4.19 22.07 -0.75
C LEU B 74 -4.71 22.99 -1.81
N SER B 75 -3.95 23.18 -2.90
CA SER B 75 -4.35 24.11 -3.92
C SER B 75 -5.57 23.69 -4.81
N GLU B 76 -6.01 22.45 -4.58
CA GLU B 76 -7.18 21.92 -5.26
C GLU B 76 -8.44 22.43 -4.56
N LEU B 77 -8.36 22.79 -3.29
CA LEU B 77 -9.54 23.18 -2.54
C LEU B 77 -10.32 24.30 -3.22
N PRO B 78 -9.65 25.43 -3.57
CA PRO B 78 -10.40 26.53 -4.23
C PRO B 78 -11.00 26.13 -5.59
N GLU B 79 -10.41 25.14 -6.26
CA GLU B 79 -10.90 24.67 -7.54
C GLU B 79 -12.17 23.81 -7.41
N LEU B 80 -12.47 23.35 -6.20
CA LEU B 80 -13.59 22.48 -5.96
C LEU B 80 -14.68 23.06 -5.09
N GLN B 81 -14.47 24.28 -4.59
CA GLN B 81 -15.31 24.90 -3.58
C GLN B 81 -16.72 25.08 -4.17
N ASN B 82 -16.79 25.30 -5.48
CA ASN B 82 -18.07 25.49 -6.09
C ASN B 82 -18.87 24.22 -6.19
N ILE B 83 -18.20 23.07 -6.27
CA ILE B 83 -18.92 21.81 -6.32
C ILE B 83 -19.35 21.43 -4.91
N ILE B 84 -18.47 21.59 -3.93
CA ILE B 84 -18.74 21.10 -2.58
C ILE B 84 -19.61 22.04 -1.73
N GLY B 85 -19.48 23.35 -1.89
CA GLY B 85 -20.37 24.29 -1.20
C GLY B 85 -20.35 24.01 0.29
N ALA B 86 -21.53 23.85 0.86
CA ALA B 86 -21.72 23.60 2.28
C ALA B 86 -21.68 22.10 2.62
N PHE B 87 -21.51 21.21 1.63
CA PHE B 87 -21.44 19.78 1.95
C PHE B 87 -20.35 19.50 2.98
N PRO B 88 -20.56 18.53 3.88
CA PRO B 88 -19.47 18.18 4.81
C PRO B 88 -18.13 17.91 4.08
N TRP B 89 -17.04 18.53 4.53
CA TRP B 89 -15.75 18.52 3.81
C TRP B 89 -14.65 18.66 4.84
N VAL B 90 -13.61 17.82 4.73
CA VAL B 90 -12.48 17.83 5.65
C VAL B 90 -11.25 17.55 4.83
N GLN B 91 -10.16 18.25 5.14
CA GLN B 91 -8.91 18.03 4.48
C GLN B 91 -7.95 17.33 5.42
N CYS B 92 -7.30 16.29 4.94
CA CYS B 92 -6.25 15.58 5.70
C CYS B 92 -4.87 15.88 5.20
N ALA B 93 -3.92 16.02 6.13
CA ALA B 93 -2.50 16.02 5.82
C ALA B 93 -2.02 17.23 5.10
N GLU B 94 -2.86 18.21 4.86
CA GLU B 94 -2.41 19.54 4.44
C GLU B 94 -2.88 20.55 5.51
N TYR B 95 -2.05 21.53 5.81
CA TYR B 95 -2.34 22.49 6.86
C TYR B 95 -2.26 23.92 6.37
N ASP B 96 -3.40 24.62 6.34
CA ASP B 96 -3.45 26.05 6.15
C ASP B 96 -4.49 26.62 7.10
N PRO B 97 -4.03 27.31 8.15
CA PRO B 97 -5.06 27.80 9.12
C PRO B 97 -5.97 28.93 8.60
N LEU B 98 -5.65 29.49 7.44
CA LEU B 98 -6.48 30.51 6.84
C LEU B 98 -7.50 29.82 5.93
N SER B 99 -7.34 28.53 5.68
CA SER B 99 -8.38 27.88 4.85
C SER B 99 -9.68 27.72 5.64
N THR B 100 -10.84 27.81 4.99
CA THR B 100 -12.10 27.57 5.68
C THR B 100 -12.52 26.09 5.79
N VAL B 101 -11.77 25.18 5.18
CA VAL B 101 -12.07 23.77 5.22
C VAL B 101 -11.36 23.16 6.39
N SER B 102 -12.09 22.50 7.28
CA SER B 102 -11.46 21.97 8.45
C SER B 102 -10.49 20.87 8.06
N SER B 103 -9.43 20.71 8.87
CA SER B 103 -8.31 19.85 8.52
C SER B 103 -7.81 19.15 9.75
N VAL B 104 -7.04 18.11 9.51
CA VAL B 104 -6.32 17.39 10.54
C VAL B 104 -5.00 16.90 9.89
N SER B 105 -3.89 17.20 10.53
CA SER B 105 -2.53 16.92 10.02
C SER B 105 -1.52 17.11 11.14
N ILE B 106 -0.24 16.89 10.82
CA ILE B 106 0.83 17.26 11.71
C ILE B 106 1.39 18.62 11.25
N ASP B 107 2.35 19.15 12.03
CA ASP B 107 3.10 20.35 11.64
C ASP B 107 4.37 19.93 10.89
N ASP B 108 4.34 20.00 9.56
CA ASP B 108 5.44 19.56 8.72
C ASP B 108 6.68 20.41 8.87
N VAL B 109 6.49 21.70 9.08
CA VAL B 109 7.67 22.58 9.24
C VAL B 109 8.39 22.29 10.50
N ALA B 110 7.68 22.11 11.63
CA ALA B 110 8.38 21.81 12.88
C ALA B 110 9.09 20.45 12.83
N ALA B 111 8.43 19.41 12.29
CA ALA B 111 9.06 18.09 12.15
C ALA B 111 10.30 18.14 11.28
N SER B 112 10.26 18.80 10.10
CA SER B 112 11.45 18.78 9.28
C SER B 112 12.61 19.58 9.81
N GLU B 113 12.35 20.70 10.49
CA GLU B 113 13.46 21.45 11.09
C GLU B 113 14.08 20.63 12.20
N TYR B 114 13.26 19.94 12.98
CA TYR B 114 13.69 19.04 14.06
C TYR B 114 14.56 17.92 13.53
N VAL B 115 14.19 17.33 12.41
CA VAL B 115 15.05 16.36 11.65
C VAL B 115 16.43 16.91 11.37
N VAL B 116 16.49 18.07 10.74
CA VAL B 116 17.77 18.72 10.49
C VAL B 116 18.53 19.05 11.78
N ASP B 117 17.85 19.56 12.79
CA ASP B 117 18.59 19.84 14.02
C ASP B 117 19.22 18.57 14.58
N GLN B 118 18.53 17.42 14.52
CA GLN B 118 19.07 16.18 15.08
C GLN B 118 20.25 15.67 14.29
N LEU B 119 20.13 15.66 12.97
CA LEU B 119 21.27 15.36 12.13
C LEU B 119 22.49 16.26 12.43
N VAL B 120 22.30 17.55 12.58
CA VAL B 120 23.43 18.47 12.87
C VAL B 120 24.03 18.22 14.24
N LYS B 121 23.19 17.90 15.24
CA LYS B 121 23.66 17.55 16.55
C LYS B 121 24.54 16.33 16.52
N SER B 122 24.22 15.38 15.65
CA SER B 122 24.97 14.15 15.61
C SER B 122 26.22 14.36 14.78
N GLY B 123 26.47 15.59 14.30
CA GLY B 123 27.75 15.89 13.65
C GLY B 123 27.71 15.93 12.12
N LYS B 124 26.53 15.72 11.52
CA LYS B 124 26.35 15.71 10.08
C LYS B 124 26.34 17.14 9.49
N LYS B 125 26.92 17.36 8.32
CA LYS B 125 27.18 18.70 7.85
C LYS B 125 26.78 18.84 6.37
N ARG B 126 26.52 17.72 5.72
CA ARG B 126 26.09 17.78 4.32
C ARG B 126 24.83 16.95 4.15
N ILE B 127 23.70 17.57 4.47
CA ILE B 127 22.46 16.86 4.55
C ILE B 127 21.74 17.15 3.23
N ALA B 128 21.32 16.11 2.54
CA ALA B 128 20.56 16.19 1.28
C ALA B 128 19.10 15.84 1.56
N LEU B 129 18.22 16.27 0.66
CA LEU B 129 16.79 16.00 0.71
C LEU B 129 16.35 15.24 -0.56
N ILE B 130 15.62 14.16 -0.37
CA ILE B 130 14.94 13.55 -1.50
C ILE B 130 13.47 14.01 -1.34
N ASN B 131 13.02 14.86 -2.25
CA ASN B 131 11.63 15.32 -2.19
C ASN B 131 10.81 14.63 -3.29
N HIS B 132 9.50 14.80 -3.35
CA HIS B 132 8.77 14.04 -4.38
C HIS B 132 7.94 14.93 -5.27
N ASP B 133 6.75 15.31 -4.83
CA ASP B 133 5.77 16.06 -5.70
C ASP B 133 5.38 17.35 -4.99
N LEU B 134 5.98 18.45 -5.43
CA LEU B 134 5.77 19.77 -4.84
C LEU B 134 4.37 20.40 -4.98
N ALA B 135 3.42 19.79 -5.70
CA ALA B 135 2.05 20.30 -5.71
C ALA B 135 1.49 20.21 -4.27
N TYR B 136 2.00 19.29 -3.44
CA TYR B 136 1.52 19.16 -2.05
C TYR B 136 2.19 20.12 -1.10
N GLN B 137 1.38 20.81 -0.29
CA GLN B 137 1.95 21.84 0.58
C GLN B 137 2.86 21.13 1.58
N TYR B 138 2.52 19.92 1.98
CA TYR B 138 3.44 19.33 2.91
C TYR B 138 4.83 19.12 2.24
N ALA B 139 4.88 18.83 0.95
CA ALA B 139 6.19 18.63 0.36
C ALA B 139 6.94 19.96 0.27
N GLN B 140 6.19 21.03 0.08
CA GLN B 140 6.79 22.38 0.05
C GLN B 140 7.35 22.77 1.45
N HIS B 141 6.58 22.47 2.49
CA HIS B 141 6.94 22.83 3.86
C HIS B 141 8.17 22.03 4.31
N ARG B 142 8.23 20.76 3.90
CA ARG B 142 9.37 19.94 4.31
C ARG B 142 10.60 20.46 3.61
N GLU B 143 10.47 20.86 2.35
CA GLU B 143 11.60 21.46 1.63
C GLU B 143 12.07 22.80 2.25
N SER B 144 11.14 23.70 2.67
CA SER B 144 11.50 25.02 3.20
C SER B 144 12.14 24.80 4.51
N GLY B 145 11.48 23.99 5.34
CA GLY B 145 11.95 23.67 6.67
C GLY B 145 13.40 23.18 6.55
N TYR B 146 13.68 22.25 5.62
CA TYR B 146 15.05 21.73 5.39
C TYR B 146 16.01 22.88 4.97
N LEU B 147 15.65 23.68 3.98
CA LEU B 147 16.58 24.68 3.43
C LEU B 147 16.86 25.80 4.45
N ASN B 148 15.81 26.26 5.11
CA ASN B 148 15.95 27.29 6.15
C ASN B 148 16.76 26.83 7.33
N ARG B 149 16.62 25.58 7.72
CA ARG B 149 17.33 25.12 8.91
C ARG B 149 18.79 24.88 8.63
N LEU B 150 19.12 24.52 7.40
CA LEU B 150 20.55 24.43 7.02
C LEU B 150 21.21 25.78 7.13
N LYS B 151 20.54 26.82 6.63
CA LYS B 151 21.07 28.20 6.61
C LYS B 151 21.12 28.67 8.06
N PHE B 152 20.13 28.26 8.84
CA PHE B 152 20.16 28.59 10.26
C PHE B 152 21.40 28.05 10.96
N HIS B 153 21.87 26.90 10.52
CA HIS B 153 23.09 26.30 11.10
C HIS B 153 24.34 26.70 10.34
N GLY B 154 24.18 27.61 9.40
CA GLY B 154 25.33 28.08 8.63
C GLY B 154 26.02 27.01 7.81
N LEU B 155 25.30 25.97 7.39
CA LEU B 155 25.86 24.90 6.59
C LEU B 155 26.00 25.38 5.15
N ASP B 156 27.10 25.03 4.50
CA ASP B 156 27.28 25.44 3.11
C ASP B 156 26.58 24.50 2.09
N TYR B 157 26.45 23.23 2.44
CA TYR B 157 25.89 22.23 1.53
C TYR B 157 24.37 22.20 1.59
N SER B 158 23.82 22.21 0.39
CA SER B 158 22.43 22.08 0.17
C SER B 158 22.25 21.22 -1.03
N ARG B 159 21.34 20.24 -0.92
CA ARG B 159 20.86 19.60 -2.10
C ARG B 159 19.64 18.78 -2.12
N ILE B 160 18.90 18.92 -3.21
CA ILE B 160 17.58 18.33 -3.29
C ILE B 160 17.49 17.52 -4.56
N SER B 161 16.99 16.31 -4.43
CA SER B 161 16.80 15.52 -5.61
C SER B 161 15.34 15.07 -5.61
N TYR B 162 14.67 15.06 -6.75
CA TYR B 162 13.23 14.86 -6.74
C TYR B 162 12.89 13.49 -7.24
N ALA B 163 12.17 12.74 -6.43
CA ALA B 163 11.80 11.42 -6.90
C ALA B 163 10.61 11.57 -7.83
N GLU B 164 10.60 10.91 -8.98
CA GLU B 164 9.40 11.07 -9.83
C GLU B 164 8.20 10.30 -9.32
N ASN B 165 8.44 9.07 -8.91
CA ASN B 165 7.35 8.26 -8.35
C ASN B 165 7.55 8.02 -6.88
N LEU B 166 6.51 7.56 -6.18
CA LEU B 166 6.68 7.21 -4.82
C LEU B 166 6.95 5.69 -4.74
N ASP B 167 8.20 5.30 -4.96
CA ASP B 167 8.57 3.89 -4.81
C ASP B 167 10.04 3.79 -4.55
N TYR B 168 10.50 2.59 -4.15
CA TYR B 168 11.86 2.43 -3.66
C TYR B 168 12.86 2.72 -4.80
N MET B 169 12.54 2.34 -6.03
CA MET B 169 13.40 2.61 -7.16
C MET B 169 13.61 4.09 -7.33
N ALA B 170 12.54 4.88 -7.16
CA ALA B 170 12.69 6.32 -7.25
C ALA B 170 13.63 6.83 -6.19
N GLY B 171 13.58 6.25 -5.00
CA GLY B 171 14.47 6.64 -3.91
C GLY B 171 15.96 6.36 -4.25
N LYS B 172 16.16 5.22 -4.88
CA LYS B 172 17.43 4.66 -5.18
C LYS B 172 18.05 5.54 -6.26
N LEU B 173 17.27 5.87 -7.28
CA LEU B 173 17.67 6.80 -8.35
C LEU B 173 17.99 8.26 -7.86
N ALA B 174 17.11 8.84 -7.04
CA ALA B 174 17.40 10.05 -6.34
C ALA B 174 18.78 9.94 -5.60
N THR B 175 19.03 8.85 -4.92
CA THR B 175 20.25 8.70 -4.20
C THR B 175 21.48 8.62 -5.11
N PHE B 176 21.41 7.82 -6.15
CA PHE B 176 22.53 7.76 -7.09
C PHE B 176 22.83 9.17 -7.62
N SER B 177 21.81 9.93 -7.92
CA SER B 177 21.99 11.29 -8.42
C SER B 177 22.73 12.18 -7.41
N LEU B 178 22.49 12.01 -6.10
CA LEU B 178 23.15 12.84 -5.05
C LEU B 178 24.59 12.41 -4.79
N LEU B 179 24.84 11.13 -5.03
CA LEU B 179 26.18 10.59 -4.88
C LEU B 179 27.04 11.02 -6.05
N LYS B 180 26.42 11.35 -7.18
CA LYS B 180 27.20 11.73 -8.37
C LYS B 180 27.50 13.21 -8.32
N SER B 181 28.46 13.60 -7.51
CA SER B 181 28.73 15.03 -7.35
C SER B 181 30.03 15.20 -6.68
N ALA B 182 30.60 16.41 -6.86
CA ALA B 182 31.90 16.78 -6.28
C ALA B 182 31.92 16.48 -4.80
N VAL B 183 30.93 17.00 -4.11
CA VAL B 183 30.74 16.79 -2.67
C VAL B 183 29.56 15.85 -2.50
N LYS B 184 29.78 14.73 -1.81
CA LYS B 184 28.73 13.79 -1.47
C LYS B 184 28.02 14.09 -0.12
N PRO B 185 26.76 13.64 0.05
CA PRO B 185 26.20 13.94 1.32
C PRO B 185 26.76 13.03 2.40
N ASP B 186 26.70 13.51 3.65
CA ASP B 186 26.89 12.62 4.76
C ASP B 186 25.54 12.29 5.41
N ALA B 187 24.43 12.75 4.83
CA ALA B 187 23.11 12.41 5.36
C ALA B 187 22.02 12.71 4.40
N ILE B 188 21.01 11.82 4.40
CA ILE B 188 19.91 11.89 3.44
C ILE B 188 18.62 11.84 4.22
N PHE B 189 17.83 12.90 4.02
CA PHE B 189 16.53 13.03 4.62
C PHE B 189 15.50 12.88 3.48
N ALA B 190 14.70 11.79 3.52
CA ALA B 190 13.61 11.62 2.55
C ALA B 190 12.25 11.88 3.14
N ILE B 191 11.40 12.44 2.29
CA ILE B 191 10.03 12.89 2.53
C ILE B 191 9.01 11.72 2.67
N SER B 192 9.49 10.49 2.51
CA SER B 192 8.67 9.31 2.78
C SER B 192 9.61 8.14 3.14
N ASP B 193 9.20 7.27 4.06
CA ASP B 193 9.92 6.04 4.31
C ASP B 193 10.12 5.19 3.05
N VAL B 194 9.22 5.24 2.09
CA VAL B 194 9.35 4.43 0.84
C VAL B 194 10.61 4.88 0.06
N LEU B 195 10.80 6.18 -0.04
CA LEU B 195 11.96 6.73 -0.75
C LEU B 195 13.23 6.45 0.03
N ALA B 196 13.14 6.45 1.36
CA ALA B 196 14.33 6.27 2.23
C ALA B 196 14.80 4.81 2.15
N ALA B 197 13.85 3.88 1.99
CA ALA B 197 14.22 2.47 1.87
C ALA B 197 15.07 2.27 0.61
N GLY B 198 14.76 3.04 -0.44
CA GLY B 198 15.53 3.01 -1.70
C GLY B 198 16.85 3.72 -1.51
N ALA B 199 16.85 4.76 -0.68
CA ALA B 199 18.14 5.39 -0.41
C ALA B 199 19.11 4.42 0.30
N ILE B 200 18.62 3.69 1.30
CA ILE B 200 19.37 2.68 2.02
C ILE B 200 19.89 1.59 1.06
N GLN B 201 19.03 1.13 0.17
CA GLN B 201 19.51 0.21 -0.87
C GLN B 201 20.62 0.75 -1.76
N ALA B 202 20.48 1.95 -2.31
CA ALA B 202 21.57 2.50 -3.15
C ALA B 202 22.85 2.75 -2.36
N LEU B 203 22.70 3.20 -1.15
CA LEU B 203 23.84 3.47 -0.29
C LEU B 203 24.68 2.19 -0.03
N THR B 204 23.98 1.13 0.35
CA THR B 204 24.54 -0.22 0.55
C THR B 204 25.20 -0.79 -0.70
N GLU B 205 24.55 -0.64 -1.83
CA GLU B 205 25.12 -1.16 -3.08
C GLU B 205 26.31 -0.32 -3.50
N SER B 206 26.41 0.88 -2.97
CA SER B 206 27.49 1.78 -3.32
C SER B 206 28.64 1.57 -2.32
N GLY B 207 28.41 0.74 -1.30
CA GLY B 207 29.44 0.44 -0.27
C GLY B 207 29.63 1.54 0.77
N LEU B 208 28.58 2.30 1.01
CA LEU B 208 28.65 3.30 2.00
C LEU B 208 28.00 2.73 3.27
N SER B 209 28.58 3.07 4.40
CA SER B 209 28.15 2.58 5.68
C SER B 209 27.09 3.52 6.18
N ILE B 210 26.08 2.97 6.84
CA ILE B 210 24.98 3.77 7.35
C ILE B 210 24.88 3.46 8.83
N PRO B 211 24.95 4.48 9.71
CA PRO B 211 25.07 5.93 9.44
C PRO B 211 26.45 6.46 9.26
N GLN B 212 27.47 5.63 9.44
CA GLN B 212 28.84 6.14 9.63
C GLN B 212 29.28 7.03 8.48
N ASP B 213 29.07 6.57 7.25
CA ASP B 213 29.36 7.41 6.07
C ASP B 213 28.19 8.36 5.74
N VAL B 214 26.97 7.80 5.67
CA VAL B 214 25.78 8.54 5.29
C VAL B 214 24.59 8.04 6.15
N ALA B 215 24.02 8.96 6.91
CA ALA B 215 22.86 8.74 7.76
C ALA B 215 21.64 8.84 6.83
N VAL B 216 20.54 8.14 7.15
CA VAL B 216 19.26 8.24 6.42
C VAL B 216 18.12 8.48 7.40
N VAL B 217 17.23 9.42 7.08
CA VAL B 217 16.01 9.67 7.83
C VAL B 217 14.86 9.68 6.83
N GLY B 218 13.76 9.02 7.21
CA GLY B 218 12.55 9.03 6.39
C GLY B 218 11.39 9.87 6.93
N PHE B 219 10.16 9.54 6.52
CA PHE B 219 8.99 10.29 6.97
C PHE B 219 7.73 9.42 6.93
N ASP B 220 7.00 9.40 8.03
CA ASP B 220 5.65 8.81 8.14
C ASP B 220 5.54 7.70 9.17
N GLY B 221 6.56 6.86 9.26
CA GLY B 221 6.57 5.80 10.27
C GLY B 221 5.70 4.65 9.82
N VAL B 222 5.78 4.27 8.53
CA VAL B 222 5.04 3.11 7.98
C VAL B 222 5.86 1.83 8.16
N ASP B 223 5.26 0.65 7.96
CA ASP B 223 5.97 -0.63 8.26
C ASP B 223 7.31 -0.80 7.55
N ILE B 224 7.46 -0.27 6.34
CA ILE B 224 8.77 -0.45 5.64
C ILE B 224 9.91 0.07 6.48
N SER B 225 9.63 1.09 7.28
CA SER B 225 10.68 1.67 8.11
C SER B 225 11.17 0.68 9.19
N GLN B 226 10.40 -0.39 9.44
CA GLN B 226 10.83 -1.40 10.39
C GLN B 226 11.38 -2.69 9.73
N ILE B 227 11.46 -2.65 8.41
CA ILE B 227 11.89 -3.75 7.62
C ILE B 227 13.30 -3.57 7.04
N THR B 228 13.74 -2.30 6.91
CA THR B 228 14.97 -2.02 6.19
C THR B 228 16.11 -2.39 7.11
N VAL B 229 17.29 -2.59 6.52
CA VAL B 229 18.46 -2.86 7.34
C VAL B 229 19.51 -1.83 6.97
N PRO B 230 19.90 -0.97 7.91
CA PRO B 230 19.47 -0.75 9.25
C PRO B 230 17.99 -0.28 9.28
N ALA B 231 17.35 -0.49 10.41
CA ALA B 231 16.00 0.06 10.62
C ALA B 231 16.08 1.57 10.47
N LEU B 232 14.96 2.16 10.03
CA LEU B 232 14.91 3.51 9.52
C LEU B 232 14.41 4.53 10.53
N THR B 233 15.29 5.45 10.95
CA THR B 233 14.86 6.65 11.62
C THR B 233 13.87 7.41 10.77
N THR B 234 12.84 7.90 11.43
CA THR B 234 11.76 8.50 10.69
C THR B 234 11.00 9.48 11.54
N VAL B 235 10.17 10.27 10.87
CA VAL B 235 9.15 11.05 11.55
C VAL B 235 7.83 10.28 11.56
N GLN B 236 7.47 9.76 12.74
CA GLN B 236 6.22 8.99 12.93
C GLN B 236 5.02 9.89 13.00
N GLN B 237 4.09 9.73 12.04
CA GLN B 237 2.76 10.41 12.11
C GLN B 237 1.72 9.52 12.79
N PRO B 238 0.77 10.12 13.50
CA PRO B 238 -0.28 9.27 14.03
C PRO B 238 -1.35 8.98 12.95
N SER B 239 -1.00 8.14 11.99
CA SER B 239 -1.75 8.08 10.73
C SER B 239 -3.21 7.64 10.88
N GLU B 240 -3.43 6.54 11.60
CA GLU B 240 -4.78 6.14 11.95
C GLU B 240 -5.60 7.20 12.69
N GLN B 241 -5.03 7.84 13.71
CA GLN B 241 -5.68 8.98 14.42
C GLN B 241 -6.03 10.16 13.51
N ILE B 242 -5.16 10.50 12.57
CA ILE B 242 -5.53 11.43 11.50
C ILE B 242 -6.82 11.08 10.77
N GLY B 243 -6.96 9.84 10.28
CA GLY B 243 -8.24 9.41 9.64
C GLY B 243 -9.43 9.37 10.61
N MET B 244 -9.23 8.87 11.83
CA MET B 244 -10.38 8.78 12.75
C MET B 244 -10.87 10.22 13.05
N LYS B 245 -9.93 11.15 13.18
CA LYS B 245 -10.26 12.53 13.54
C LYS B 245 -10.92 13.20 12.37
N ALA B 246 -10.44 12.90 11.14
CA ALA B 246 -11.04 13.49 9.95
C ALA B 246 -12.53 13.12 9.92
N VAL B 247 -12.86 11.86 10.15
CA VAL B 247 -14.26 11.44 10.25
C VAL B 247 -15.04 12.13 11.31
N SER B 248 -14.45 12.24 12.51
CA SER B 248 -15.03 12.99 13.59
C SER B 248 -15.39 14.43 13.24
N LEU B 249 -14.52 15.08 12.47
CA LEU B 249 -14.78 16.43 12.01
C LEU B 249 -15.89 16.45 10.96
N LEU B 250 -15.91 15.41 10.13
CA LEU B 250 -16.93 15.30 9.09
C LEU B 250 -18.28 15.07 9.73
N LEU B 251 -18.31 14.29 10.80
CA LEU B 251 -19.56 14.06 11.54
C LEU B 251 -20.12 15.30 12.27
N GLU B 252 -19.27 16.19 12.77
CA GLU B 252 -19.81 17.42 13.34
C GLU B 252 -20.54 18.22 12.28
N GLN B 253 -20.00 18.25 11.06
CA GLN B 253 -20.65 18.90 9.97
C GLN B 253 -21.97 18.22 9.66
N ILE B 254 -21.96 16.90 9.53
CA ILE B 254 -23.19 16.18 9.16
C ILE B 254 -24.26 16.34 10.25
N HIS B 255 -23.82 16.32 11.51
CA HIS B 255 -24.76 16.37 12.64
C HIS B 255 -25.59 17.65 12.66
N SER B 256 -26.91 17.44 12.78
CA SER B 256 -27.96 18.46 12.82
C SER B 256 -27.91 19.41 14.00
N ASP B 257 -27.50 18.91 15.18
CA ASP B 257 -27.55 19.72 16.39
C ASP B 257 -26.29 20.52 16.67
N VAL B 258 -25.33 20.48 15.76
CA VAL B 258 -24.21 21.42 15.89
C VAL B 258 -24.04 22.21 14.61
N LEU B 259 -23.83 23.52 14.73
CA LEU B 259 -23.33 24.28 13.59
C LEU B 259 -21.80 24.26 13.71
N ALA B 260 -21.18 23.40 12.92
CA ALA B 260 -19.75 23.18 12.97
C ALA B 260 -19.00 24.44 12.54
N LYS B 261 -17.85 24.72 13.16
CA LYS B 261 -17.00 25.86 12.75
C LYS B 261 -15.73 25.27 12.21
N THR B 262 -14.94 26.10 11.54
CA THR B 262 -13.65 25.70 11.02
C THR B 262 -12.70 25.41 12.15
N VAL B 263 -12.02 24.26 12.05
CA VAL B 263 -10.98 23.90 13.00
C VAL B 263 -9.83 23.26 12.27
N HIS B 264 -8.60 23.52 12.72
CA HIS B 264 -7.45 22.96 12.04
C HIS B 264 -6.71 22.22 13.10
N HIS B 265 -7.00 20.92 13.26
CA HIS B 265 -6.31 20.14 14.29
C HIS B 265 -4.87 19.76 13.88
N LEU B 266 -3.94 19.94 14.79
CA LEU B 266 -2.57 19.50 14.62
C LEU B 266 -2.37 18.40 15.60
N LEU B 267 -2.04 17.22 15.12
CA LEU B 267 -1.73 16.06 15.97
C LEU B 267 -0.19 15.90 16.10
N PRO B 268 0.29 15.38 17.27
CA PRO B 268 1.76 15.33 17.50
C PRO B 268 2.45 14.32 16.61
N TRP B 269 3.58 14.70 16.01
CA TRP B 269 4.51 13.77 15.37
C TRP B 269 5.57 13.37 16.35
N LYS B 270 6.25 12.26 16.10
CA LYS B 270 7.35 11.85 16.97
C LYS B 270 8.56 11.52 16.11
N PHE B 271 9.73 11.95 16.55
CA PHE B 271 10.97 11.58 15.87
C PHE B 271 11.37 10.30 16.46
N VAL B 272 11.38 9.26 15.67
CA VAL B 272 11.68 7.90 16.17
C VAL B 272 13.07 7.49 15.66
N ARG B 273 14.00 7.37 16.60
CA ARG B 273 15.42 7.11 16.32
C ARG B 273 15.69 5.65 16.12
N ARG B 274 16.20 5.30 14.93
CA ARG B 274 16.65 3.96 14.73
C ARG B 274 18.13 3.89 14.33
N GLN B 275 18.56 2.76 13.81
CA GLN B 275 19.96 2.53 13.51
C GLN B 275 20.45 3.33 12.30
N SER B 276 19.54 3.78 11.45
CA SER B 276 19.92 4.45 10.18
C SER B 276 20.45 5.85 10.41
N SER B 277 20.26 6.40 11.61
CA SER B 277 20.82 7.68 11.92
C SER B 277 21.67 7.69 13.19
N GLU B 278 21.29 6.86 14.17
CA GLU B 278 21.80 7.01 15.55
C GLU B 278 23.33 6.92 15.62
C1 GOL C . -3.52 -12.88 -4.90
O1 GOL C . -3.27 -13.33 -6.21
C2 GOL C . -2.33 -12.21 -4.21
O2 GOL C . -1.30 -13.15 -3.99
C3 GOL C . -2.74 -11.76 -2.81
O3 GOL C . -1.54 -11.46 -2.12
CL CL D . 5.13 0.13 4.35
C1 GOL E . 1.64 13.28 4.05
O1 GOL E . 1.71 13.80 5.36
C2 GOL E . 2.54 12.04 4.02
O2 GOL E . 3.82 12.44 4.48
C3 GOL E . 2.56 11.38 2.63
O3 GOL E . 3.48 10.28 2.64
#